data_4L10
#
_entry.id   4L10
#
_cell.length_a   91.360
_cell.length_b   97.810
_cell.length_c   118.320
_cell.angle_alpha   90.00
_cell.angle_beta   90.00
_cell.angle_gamma   90.00
#
_symmetry.space_group_name_H-M   'C 2 2 21'
#
loop_
_entity.id
_entity.type
_entity.pdbx_description
1 polymer Tankyrase-2
2 polymer Tankyrase-2
3 non-polymer 'SULFATE ION'
4 non-polymer 'ZINC ION'
5 non-polymer 2-(4-methoxyphenyl)-4H-chromen-4-one
6 non-polymer GLYCEROL
7 water water
#
loop_
_entity_poly.entity_id
_entity_poly.type
_entity_poly.pdbx_seq_one_letter_code
_entity_poly.pdbx_strand_id
1 'polypeptide(L)'
;MHHHHHHSSGVDLGTENLYFQSMLNTSGSGTILIDLSPDDKEFQSVEEEMQSTVREHRDGGHAGGIFNRYNILKIQKVCN
KKLWERYTHRRKEVSEENHNHANERMLFHGSPFVNAIIHKGFDERHAYIGGMFGAGIYFAENSSKSNQYVYGIGGGTGCP
VHKDRSCYICHRQLLFCRVTLGKSFLQFSAM
;
A,B
2 'polypeptide(L)' KMAHSPPGHHSVTGRPSVNGLALAEYVIYRGEQAYPEYLITYQIMRPEG C,D
#
loop_
_chem_comp.id
_chem_comp.type
_chem_comp.name
_chem_comp.formula
A63 non-polymer 2-(4-methoxyphenyl)-4H-chromen-4-one 'C16 H12 O3'
GOL non-polymer GLYCEROL 'C3 H8 O3'
SO4 non-polymer 'SULFATE ION' 'O4 S -2'
ZN non-polymer 'ZINC ION' 'Zn 2'
#
# COMPACT_ATOMS: atom_id res chain seq x y z
N GLY A 30 21.87 -30.30 6.76
CA GLY A 30 21.05 -31.31 6.08
C GLY A 30 20.60 -30.92 4.67
N THR A 31 20.85 -29.68 4.24
CA THR A 31 20.38 -29.28 2.93
C THR A 31 21.41 -29.59 1.85
N ILE A 32 20.94 -30.22 0.77
CA ILE A 32 21.71 -30.26 -0.45
C ILE A 32 20.95 -29.57 -1.59
N LEU A 33 21.71 -28.97 -2.49
CA LEU A 33 21.18 -28.30 -3.66
C LEU A 33 21.56 -29.06 -4.92
N ILE A 34 20.55 -29.43 -5.69
CA ILE A 34 20.73 -30.14 -6.94
C ILE A 34 20.41 -29.25 -8.12
N ASP A 35 21.41 -29.02 -8.98
CA ASP A 35 21.20 -28.24 -10.18
C ASP A 35 20.28 -28.94 -11.13
N LEU A 36 19.33 -28.19 -11.67
CA LEU A 36 18.53 -28.68 -12.75
C LEU A 36 19.17 -28.30 -14.06
N SER A 37 19.14 -29.22 -15.01
CA SER A 37 19.52 -28.92 -16.37
C SER A 37 18.50 -28.02 -17.08
N PRO A 38 18.96 -27.08 -17.90
CA PRO A 38 17.99 -26.29 -18.65
C PRO A 38 17.12 -27.11 -19.60
N ASP A 39 17.56 -28.34 -19.90
CA ASP A 39 16.80 -29.27 -20.75
C ASP A 39 15.72 -30.02 -20.01
N ASP A 40 15.74 -29.91 -18.69
CA ASP A 40 14.85 -30.66 -17.81
C ASP A 40 13.53 -29.95 -17.83
N LYS A 41 12.44 -30.69 -18.04
CA LYS A 41 11.11 -30.07 -18.08
C LYS A 41 10.78 -29.31 -16.79
N GLU A 42 11.34 -29.76 -15.68
CA GLU A 42 11.18 -29.11 -14.41
C GLU A 42 11.85 -27.71 -14.38
N PHE A 43 13.05 -27.61 -14.92
CA PHE A 43 13.69 -26.31 -15.11
C PHE A 43 12.78 -25.41 -15.92
N GLN A 44 12.29 -25.92 -17.04
CA GLN A 44 11.56 -25.12 -17.99
C GLN A 44 10.23 -24.62 -17.39
N SER A 45 9.54 -25.46 -16.64
CA SER A 45 8.25 -25.04 -16.05
C SER A 45 8.45 -23.97 -14.93
N VAL A 46 9.49 -24.13 -14.13
CA VAL A 46 9.84 -23.11 -13.11
C VAL A 46 10.26 -21.79 -13.77
N GLU A 47 11.14 -21.85 -14.79
CA GLU A 47 11.50 -20.64 -15.51
C GLU A 47 10.26 -19.96 -16.04
N GLU A 48 9.35 -20.73 -16.61
CA GLU A 48 8.18 -20.12 -17.25
C GLU A 48 7.29 -19.41 -16.20
N GLU A 49 7.16 -20.00 -15.01
CA GLU A 49 6.44 -19.32 -13.94
C GLU A 49 7.13 -18.02 -13.54
N MET A 50 8.46 -18.05 -13.43
CA MET A 50 9.20 -16.86 -13.10
C MET A 50 8.99 -15.74 -14.13
N GLN A 51 9.15 -16.06 -15.42
CA GLN A 51 9.11 -15.02 -16.45
C GLN A 51 7.70 -14.51 -16.69
N SER A 52 6.74 -15.42 -16.68
CA SER A 52 5.36 -15.11 -17.05
C SER A 52 4.62 -14.30 -15.98
N THR A 53 5.17 -14.20 -14.76
CA THR A 53 4.50 -13.46 -13.68
C THR A 53 5.20 -12.15 -13.35
N VAL A 54 6.07 -11.69 -14.24
CA VAL A 54 6.58 -10.32 -14.16
C VAL A 54 5.47 -9.31 -14.53
N ARG A 55 5.37 -8.26 -13.74
CA ARG A 55 4.50 -7.15 -14.05
C ARG A 55 5.18 -5.86 -13.74
N GLU A 56 4.58 -4.75 -14.20
CA GLU A 56 5.03 -3.42 -13.80
C GLU A 56 4.48 -3.13 -12.38
N HIS A 57 5.28 -2.36 -11.64
CA HIS A 57 4.94 -2.01 -10.27
C HIS A 57 4.69 -0.52 -10.13
N ARG A 58 3.87 -0.18 -9.14
CA ARG A 58 3.39 1.19 -8.99
C ARG A 58 4.48 2.15 -8.57
N ASP A 59 5.61 1.60 -8.11
CA ASP A 59 6.78 2.43 -7.82
C ASP A 59 7.70 2.76 -8.98
N GLY A 60 7.30 2.44 -10.19
CA GLY A 60 8.10 2.73 -11.36
C GLY A 60 9.43 1.98 -11.42
N GLY A 61 9.59 0.97 -10.57
CA GLY A 61 10.85 0.21 -10.49
C GLY A 61 11.78 0.57 -9.35
N HIS A 62 11.32 1.47 -8.47
CA HIS A 62 12.16 1.99 -7.39
C HIS A 62 12.74 0.88 -6.53
N ALA A 63 11.88 -0.04 -6.08
CA ALA A 63 12.31 -1.09 -5.18
C ALA A 63 13.09 -2.19 -5.88
N GLY A 64 12.54 -2.71 -6.97
CA GLY A 64 13.05 -3.91 -7.58
C GLY A 64 13.86 -3.71 -8.83
N GLY A 65 13.82 -2.51 -9.42
CA GLY A 65 14.46 -2.25 -10.66
C GLY A 65 13.52 -2.20 -11.84
N ILE A 66 14.04 -1.72 -12.96
CA ILE A 66 13.27 -1.62 -14.19
C ILE A 66 13.60 -2.79 -15.13
N PHE A 67 12.61 -3.63 -15.40
CA PHE A 67 12.81 -4.80 -16.24
C PHE A 67 11.47 -5.40 -16.63
N ASN A 68 11.48 -6.14 -17.74
CA ASN A 68 10.33 -6.90 -18.19
C ASN A 68 10.52 -8.41 -18.14
N ARG A 69 11.76 -8.85 -17.94
CA ARG A 69 12.11 -10.26 -17.96
C ARG A 69 13.43 -10.47 -17.23
N TYR A 70 13.75 -11.73 -17.00
CA TYR A 70 14.96 -12.09 -16.30
C TYR A 70 15.92 -12.87 -17.17
N ASN A 71 17.18 -12.86 -16.75
CA ASN A 71 18.15 -13.82 -17.29
C ASN A 71 18.30 -14.85 -16.19
N ILE A 72 17.72 -16.03 -16.37
CA ILE A 72 17.82 -17.09 -15.41
C ILE A 72 19.18 -17.75 -15.55
N LEU A 73 19.96 -17.75 -14.47
CA LEU A 73 21.32 -18.31 -14.50
C LEU A 73 21.38 -19.76 -13.98
N LYS A 74 20.56 -20.08 -12.99
CA LYS A 74 20.58 -21.38 -12.39
C LYS A 74 19.26 -21.64 -11.66
N ILE A 75 18.82 -22.91 -11.67
CA ILE A 75 17.65 -23.32 -10.87
C ILE A 75 18.10 -24.57 -10.13
N GLN A 76 18.05 -24.53 -8.81
CA GLN A 76 18.42 -25.65 -7.97
C GLN A 76 17.25 -26.16 -7.17
N LYS A 77 17.13 -27.48 -7.06
CA LYS A 77 16.18 -28.07 -6.14
C LYS A 77 16.78 -28.13 -4.75
N VAL A 78 16.00 -27.76 -3.76
CA VAL A 78 16.42 -27.70 -2.38
C VAL A 78 15.96 -28.98 -1.72
N CYS A 79 16.90 -29.79 -1.26
CA CYS A 79 16.56 -31.09 -0.66
C CYS A 79 16.99 -31.13 0.78
N ASN A 80 16.00 -31.23 1.69
CA ASN A 80 16.27 -31.39 3.10
C ASN A 80 15.15 -32.25 3.71
N LYS A 81 15.50 -33.45 4.14
CA LYS A 81 14.48 -34.41 4.57
C LYS A 81 13.76 -33.92 5.84
N LYS A 82 14.49 -33.37 6.79
CA LYS A 82 13.89 -32.93 8.01
C LYS A 82 12.92 -31.77 7.79
N LEU A 83 13.35 -30.80 6.98
CA LEU A 83 12.52 -29.65 6.67
C LEU A 83 11.28 -30.06 5.87
N TRP A 84 11.45 -31.04 5.00
CA TRP A 84 10.32 -31.55 4.19
C TRP A 84 9.31 -32.26 5.09
N GLU A 85 9.79 -33.03 6.04
CA GLU A 85 8.90 -33.75 6.92
C GLU A 85 8.17 -32.77 7.86
N ARG A 86 8.85 -31.72 8.29
CA ARG A 86 8.24 -30.64 9.07
C ARG A 86 7.08 -30.00 8.27
N TYR A 87 7.35 -29.71 6.99
CA TYR A 87 6.30 -29.19 6.10
C TYR A 87 5.10 -30.16 5.94
N THR A 88 5.36 -31.43 5.65
CA THR A 88 4.28 -32.38 5.35
C THR A 88 3.48 -32.71 6.62
N HIS A 89 4.14 -32.67 7.77
CA HIS A 89 3.44 -32.87 9.04
C HIS A 89 2.41 -31.77 9.26
N ARG A 90 2.84 -30.52 9.04
CA ARG A 90 1.95 -29.35 9.19
C ARG A 90 0.84 -29.40 8.12
N ARG A 91 1.20 -29.77 6.89
CA ARG A 91 0.26 -29.84 5.78
C ARG A 91 -0.91 -30.76 6.12
N LYS A 92 -0.57 -31.92 6.70
CA LYS A 92 -1.60 -32.85 7.12
C LYS A 92 -2.49 -32.30 8.24
N GLU A 93 -1.91 -31.61 9.21
CA GLU A 93 -2.72 -30.95 10.25
C GLU A 93 -3.71 -29.98 9.64
N VAL A 94 -3.21 -29.13 8.74
CA VAL A 94 -4.08 -28.17 8.08
C VAL A 94 -5.16 -28.86 7.27
N SER A 95 -4.76 -29.83 6.45
CA SER A 95 -5.70 -30.58 5.62
C SER A 95 -6.85 -31.17 6.46
N GLU A 96 -6.48 -31.76 7.58
CA GLU A 96 -7.49 -32.36 8.45
C GLU A 96 -8.43 -31.35 9.08
N GLU A 97 -8.00 -30.09 9.22
CA GLU A 97 -8.85 -29.01 9.72
C GLU A 97 -9.68 -28.32 8.61
N ASN A 98 -9.54 -28.78 7.37
CA ASN A 98 -10.11 -28.10 6.20
C ASN A 98 -10.58 -29.10 5.15
N HIS A 99 -11.44 -30.01 5.59
CA HIS A 99 -12.05 -31.04 4.74
C HIS A 99 -11.05 -31.66 3.75
N ASN A 100 -9.91 -32.09 4.28
CA ASN A 100 -8.86 -32.77 3.54
C ASN A 100 -8.32 -31.98 2.35
N HIS A 101 -8.20 -30.68 2.56
CA HIS A 101 -7.74 -29.75 1.52
C HIS A 101 -6.69 -28.83 2.11
N ALA A 102 -5.45 -29.09 1.73
CA ALA A 102 -4.31 -28.27 2.19
C ALA A 102 -4.30 -26.89 1.54
N ASN A 103 -4.90 -26.78 0.35
CA ASN A 103 -4.91 -25.55 -0.44
C ASN A 103 -3.48 -25.12 -0.69
N GLU A 104 -2.72 -26.04 -1.28
CA GLU A 104 -1.31 -25.84 -1.50
C GLU A 104 -1.05 -25.10 -2.80
N ARG A 105 -0.17 -24.12 -2.71
CA ARG A 105 0.19 -23.28 -3.85
C ARG A 105 1.71 -23.29 -4.01
N MET A 106 2.18 -22.89 -5.20
CA MET A 106 3.60 -22.61 -5.46
C MET A 106 3.75 -21.11 -5.65
N LEU A 107 4.54 -20.48 -4.76
CA LEU A 107 4.59 -19.02 -4.69
C LEU A 107 6.04 -18.58 -4.54
N PHE A 108 6.30 -17.31 -4.84
CA PHE A 108 7.65 -16.76 -4.76
C PHE A 108 7.90 -16.09 -3.43
N HIS A 109 9.17 -16.13 -3.00
CA HIS A 109 9.64 -15.43 -1.81
C HIS A 109 11.02 -14.86 -2.09
N GLY A 110 11.16 -13.54 -1.92
CA GLY A 110 12.42 -12.85 -2.08
C GLY A 110 12.90 -12.34 -0.73
N SER A 111 14.16 -12.57 -0.39
CA SER A 111 14.62 -12.16 0.93
C SER A 111 16.11 -12.08 1.05
N PRO A 112 16.61 -11.13 1.86
CA PRO A 112 18.04 -11.20 2.16
C PRO A 112 18.43 -12.46 2.88
N PHE A 113 17.46 -13.18 3.46
CA PHE A 113 17.77 -14.36 4.29
C PHE A 113 17.62 -15.71 3.57
N VAL A 114 17.59 -15.69 2.25
CA VAL A 114 17.39 -16.89 1.45
C VAL A 114 18.38 -17.99 1.84
N ASN A 115 19.62 -17.63 2.14
CA ASN A 115 20.57 -18.66 2.59
C ASN A 115 20.21 -19.32 3.92
N ALA A 116 19.75 -18.56 4.91
CA ALA A 116 19.29 -19.17 6.14
C ALA A 116 18.04 -20.03 5.90
N ILE A 117 17.14 -19.54 5.05
CA ILE A 117 15.89 -20.23 4.84
C ILE A 117 16.15 -21.63 4.27
N ILE A 118 17.04 -21.73 3.30
CA ILE A 118 17.20 -23.02 2.62
C ILE A 118 17.92 -24.01 3.53
N HIS A 119 18.68 -23.51 4.48
CA HIS A 119 19.36 -24.39 5.44
C HIS A 119 18.58 -24.75 6.68
N LYS A 120 17.83 -23.79 7.21
CA LYS A 120 17.16 -23.94 8.49
C LYS A 120 15.65 -23.88 8.47
N GLY A 121 15.07 -23.53 7.31
CA GLY A 121 13.63 -23.43 7.19
C GLY A 121 13.14 -22.03 7.44
N PHE A 122 11.90 -21.76 7.05
CA PHE A 122 11.25 -20.53 7.43
C PHE A 122 10.93 -20.49 8.92
N ASP A 123 11.12 -19.34 9.56
CA ASP A 123 10.65 -19.14 10.92
C ASP A 123 10.40 -17.65 11.20
N GLU A 124 9.96 -17.34 12.43
CA GLU A 124 9.72 -15.96 12.89
C GLU A 124 10.77 -14.91 12.48
N ARG A 125 12.03 -15.29 12.30
CA ARG A 125 13.08 -14.37 11.84
C ARG A 125 12.92 -13.90 10.39
N HIS A 126 12.08 -14.60 9.64
CA HIS A 126 11.90 -14.29 8.20
C HIS A 126 10.60 -13.54 7.92
N ALA A 127 9.90 -13.17 8.99
CA ALA A 127 8.61 -12.50 8.90
C ALA A 127 8.79 -11.05 8.51
N TYR A 128 7.79 -10.52 7.83
CA TYR A 128 7.68 -9.09 7.55
C TYR A 128 6.91 -8.42 8.69
N ILE A 129 7.67 -7.90 9.66
CA ILE A 129 7.07 -7.39 10.87
C ILE A 129 6.08 -6.29 10.53
N GLY A 130 6.46 -5.38 9.63
CA GLY A 130 5.55 -4.28 9.24
C GLY A 130 4.68 -4.50 8.02
N GLY A 131 4.41 -5.75 7.67
CA GLY A 131 3.58 -6.03 6.52
C GLY A 131 2.15 -5.61 6.76
N MET A 132 1.43 -5.39 5.69
CA MET A 132 0.07 -4.87 5.79
C MET A 132 -0.97 -5.84 6.34
N PHE A 133 -0.59 -7.11 6.41
CA PHE A 133 -1.43 -8.12 6.98
C PHE A 133 -0.84 -8.67 8.24
N GLY A 134 0.01 -7.86 8.89
CA GLY A 134 0.60 -8.22 10.17
C GLY A 134 1.86 -9.05 9.99
N ALA A 135 2.46 -9.39 11.11
CA ALA A 135 3.76 -10.02 11.10
C ALA A 135 3.56 -11.48 10.75
N GLY A 136 3.84 -11.81 9.50
CA GLY A 136 3.90 -13.18 9.06
C GLY A 136 4.89 -13.24 7.92
N ILE A 137 4.94 -14.39 7.27
CA ILE A 137 5.84 -14.62 6.19
C ILE A 137 5.04 -14.50 4.90
N TYR A 138 5.53 -13.64 4.01
CA TYR A 138 4.79 -13.16 2.86
C TYR A 138 5.31 -13.85 1.60
N PHE A 139 4.37 -14.19 0.72
CA PHE A 139 4.66 -14.82 -0.56
C PHE A 139 3.85 -14.14 -1.67
N ALA A 140 4.37 -14.20 -2.88
CA ALA A 140 3.70 -13.57 -4.04
C ALA A 140 3.48 -14.52 -5.20
N GLU A 141 2.37 -14.33 -5.90
CA GLU A 141 2.21 -14.93 -7.23
C GLU A 141 3.08 -14.28 -8.28
N ASN A 142 3.29 -12.98 -8.21
CA ASN A 142 4.13 -12.26 -9.16
C ASN A 142 5.58 -12.38 -8.73
N SER A 143 6.41 -13.06 -9.52
CA SER A 143 7.83 -13.06 -9.20
C SER A 143 8.44 -11.65 -9.02
N SER A 144 7.97 -10.68 -9.80
CA SER A 144 8.50 -9.32 -9.73
C SER A 144 8.14 -8.64 -8.39
N LYS A 145 7.06 -9.06 -7.75
CA LYS A 145 6.79 -8.57 -6.40
C LYS A 145 7.84 -9.08 -5.40
N SER A 146 8.11 -10.39 -5.40
CA SER A 146 9.15 -10.95 -4.54
C SER A 146 10.55 -10.36 -4.86
N ASN A 147 10.80 -10.04 -6.11
CA ASN A 147 12.06 -9.40 -6.53
C ASN A 147 12.32 -8.09 -5.78
N GLN A 148 11.25 -7.40 -5.40
CA GLN A 148 11.34 -6.14 -4.68
C GLN A 148 11.94 -6.29 -3.30
N TYR A 149 11.98 -7.51 -2.77
CA TYR A 149 12.42 -7.78 -1.40
C TYR A 149 13.76 -8.49 -1.30
N VAL A 150 14.38 -8.80 -2.44
CA VAL A 150 15.65 -9.54 -2.47
C VAL A 150 16.76 -8.81 -1.71
N TYR A 151 16.80 -7.51 -1.90
CA TYR A 151 17.75 -6.67 -1.19
C TYR A 151 17.20 -6.01 0.06
N GLY A 152 16.02 -6.43 0.50
CA GLY A 152 15.43 -5.93 1.73
C GLY A 152 14.12 -5.26 1.44
N ILE A 153 13.47 -4.80 2.49
CA ILE A 153 12.19 -4.10 2.37
C ILE A 153 12.39 -2.85 1.52
N GLY A 154 11.53 -2.64 0.54
CA GLY A 154 11.64 -1.49 -0.34
C GLY A 154 12.89 -1.58 -1.20
N GLY A 155 13.48 -2.76 -1.31
CA GLY A 155 14.74 -2.92 -2.03
C GLY A 155 16.00 -2.52 -1.24
N GLY A 156 15.82 -2.11 0.02
CA GLY A 156 16.95 -1.73 0.90
C GLY A 156 17.78 -0.68 0.19
N THR A 157 19.09 -0.89 0.16
CA THR A 157 19.99 -0.01 -0.59
C THR A 157 20.48 -0.64 -1.89
N GLY A 158 19.76 -1.65 -2.40
CA GLY A 158 20.15 -2.27 -3.63
C GLY A 158 21.25 -3.29 -3.42
N CYS A 159 21.89 -3.66 -4.52
CA CYS A 159 22.88 -4.73 -4.51
C CYS A 159 24.04 -4.35 -3.59
N PRO A 160 24.68 -5.34 -2.96
CA PRO A 160 25.78 -5.00 -2.03
C PRO A 160 27.00 -4.35 -2.71
N VAL A 161 27.22 -4.66 -3.97
CA VAL A 161 28.42 -4.22 -4.68
C VAL A 161 28.29 -2.80 -5.22
N HIS A 162 27.17 -2.50 -5.88
CA HIS A 162 26.96 -1.18 -6.52
C HIS A 162 25.93 -0.27 -5.85
N LYS A 163 25.26 -0.76 -4.80
CA LYS A 163 24.17 -0.04 -4.10
C LYS A 163 23.11 0.43 -5.10
N ASP A 164 22.79 -0.45 -6.04
CA ASP A 164 21.84 -0.15 -7.11
C ASP A 164 20.63 -1.10 -6.99
N ARG A 165 19.45 -0.58 -6.68
CA ARG A 165 18.24 -1.42 -6.65
C ARG A 165 17.90 -1.96 -8.05
N SER A 166 18.34 -1.29 -9.11
CA SER A 166 18.11 -1.73 -10.47
C SER A 166 19.36 -2.35 -11.10
N CYS A 167 20.23 -2.91 -10.26
CA CYS A 167 21.48 -3.51 -10.79
C CYS A 167 21.18 -4.59 -11.81
N TYR A 168 21.78 -4.46 -13.00
CA TYR A 168 21.65 -5.46 -14.06
C TYR A 168 22.83 -6.43 -14.10
N ILE A 169 23.79 -6.24 -13.20
CA ILE A 169 25.00 -7.07 -13.15
C ILE A 169 24.93 -8.14 -12.07
N CYS A 170 24.60 -7.72 -10.86
CA CYS A 170 24.67 -8.60 -9.70
C CYS A 170 23.62 -9.70 -9.80
N HIS A 171 24.02 -10.87 -9.32
CA HIS A 171 23.17 -12.05 -9.27
C HIS A 171 22.25 -11.97 -8.09
N ARG A 172 20.97 -12.23 -8.35
CA ARG A 172 19.91 -12.21 -7.36
C ARG A 172 19.42 -13.61 -7.16
N GLN A 173 18.79 -13.88 -6.01
CA GLN A 173 18.16 -15.17 -5.78
C GLN A 173 16.73 -15.05 -5.25
N LEU A 174 15.82 -15.84 -5.79
CA LEU A 174 14.46 -15.94 -5.27
C LEU A 174 14.23 -17.40 -4.89
N LEU A 175 13.27 -17.62 -4.00
CA LEU A 175 12.73 -18.96 -3.75
C LEU A 175 11.39 -19.13 -4.43
N PHE A 176 11.19 -20.31 -4.99
CA PHE A 176 9.86 -20.73 -5.45
C PHE A 176 9.46 -21.86 -4.52
N CYS A 177 8.41 -21.60 -3.75
CA CYS A 177 8.11 -22.35 -2.54
C CYS A 177 6.76 -23.01 -2.57
N ARG A 178 6.66 -24.16 -1.90
CA ARG A 178 5.42 -24.87 -1.72
C ARG A 178 4.81 -24.35 -0.44
N VAL A 179 3.58 -23.81 -0.53
CA VAL A 179 2.96 -23.12 0.59
C VAL A 179 1.56 -23.64 0.87
N THR A 180 1.34 -24.06 2.10
CA THR A 180 0.02 -24.51 2.56
C THR A 180 -0.81 -23.36 3.07
N LEU A 181 -1.89 -23.06 2.36
CA LEU A 181 -2.75 -21.91 2.75
C LEU A 181 -3.90 -22.32 3.64
N GLY A 182 -4.33 -23.56 3.55
CA GLY A 182 -5.53 -24.00 4.28
C GLY A 182 -6.70 -23.09 3.99
N LYS A 183 -7.50 -22.83 5.02
CA LYS A 183 -8.57 -21.86 4.92
C LYS A 183 -7.98 -20.46 5.01
N SER A 184 -8.10 -19.68 3.95
CA SER A 184 -7.39 -18.40 3.87
C SER A 184 -8.37 -17.27 4.07
N PHE A 185 -8.01 -16.32 4.91
CA PHE A 185 -8.83 -15.13 5.18
C PHE A 185 -8.63 -14.14 4.02
N LEU A 186 -9.72 -13.78 3.33
CA LEU A 186 -9.66 -12.89 2.17
CA LEU A 186 -9.62 -12.91 2.18
C LEU A 186 -9.71 -11.43 2.60
N GLN A 187 -8.67 -10.69 2.27
CA GLN A 187 -8.57 -9.29 2.54
C GLN A 187 -8.55 -8.58 1.18
N PHE A 188 -9.55 -7.73 0.92
CA PHE A 188 -9.57 -6.94 -0.30
C PHE A 188 -8.68 -5.73 0.03
N SER A 189 -7.80 -5.32 -0.88
CA SER A 189 -6.85 -4.25 -0.50
C SER A 189 -6.26 -3.55 -1.70
N ALA A 190 -5.97 -2.25 -1.54
CA ALA A 190 -5.33 -1.45 -2.59
C ALA A 190 -3.86 -1.86 -2.77
N MET B 2 5.96 -13.22 15.70
CA MET B 2 5.02 -13.49 14.62
C MET B 2 3.57 -13.40 15.12
N ALA B 3 2.69 -12.81 14.32
CA ALA B 3 1.26 -12.73 14.65
C ALA B 3 0.59 -14.11 14.47
N HIS B 4 -0.72 -14.17 14.70
CA HIS B 4 -1.49 -15.39 14.51
C HIS B 4 -2.42 -15.20 13.33
N SER B 5 -2.76 -16.32 12.68
CA SER B 5 -3.78 -16.28 11.63
C SER B 5 -5.06 -15.78 12.26
N PRO B 6 -5.91 -15.14 11.47
CA PRO B 6 -7.23 -14.81 11.95
C PRO B 6 -7.91 -16.07 12.48
N PRO B 7 -8.62 -15.98 13.63
CA PRO B 7 -9.29 -17.18 14.15
C PRO B 7 -10.09 -17.96 13.09
N GLY B 8 -9.94 -19.28 13.11
CA GLY B 8 -10.60 -20.15 12.13
C GLY B 8 -9.96 -20.15 10.74
N HIS B 9 -8.75 -19.61 10.61
CA HIS B 9 -8.04 -19.53 9.31
C HIS B 9 -6.58 -19.94 9.46
N HIS B 10 -5.98 -20.35 8.35
CA HIS B 10 -4.58 -20.77 8.34
C HIS B 10 -3.61 -19.84 7.64
N SER B 11 -4.16 -18.80 7.02
CA SER B 11 -3.39 -17.84 6.24
C SER B 11 -4.27 -16.66 5.93
N VAL B 12 -3.68 -15.63 5.33
CA VAL B 12 -4.39 -14.47 4.78
C VAL B 12 -4.04 -14.34 3.30
N THR B 13 -5.04 -13.99 2.52
CA THR B 13 -4.85 -13.68 1.10
C THR B 13 -5.06 -12.21 0.92
N GLY B 14 -4.08 -11.52 0.34
CA GLY B 14 -4.21 -10.12 0.01
C GLY B 14 -4.65 -10.04 -1.43
N ARG B 15 -5.94 -9.79 -1.65
CA ARG B 15 -6.46 -9.61 -2.99
C ARG B 15 -6.32 -8.17 -3.49
N PRO B 16 -5.68 -7.99 -4.64
CA PRO B 16 -5.58 -6.63 -5.18
C PRO B 16 -6.96 -6.04 -5.53
N SER B 17 -7.26 -4.81 -5.06
CA SER B 17 -8.56 -4.11 -5.31
C SER B 17 -8.48 -2.79 -6.10
N VAL B 18 -7.31 -2.48 -6.68
CA VAL B 18 -7.12 -1.24 -7.44
C VAL B 18 -6.36 -1.54 -8.74
N ASN B 19 -5.19 -2.16 -8.61
CA ASN B 19 -4.35 -2.51 -9.75
C ASN B 19 -4.86 -3.79 -10.32
N GLY B 20 -5.58 -3.61 -11.43
CA GLY B 20 -6.15 -4.73 -12.17
C GLY B 20 -5.14 -5.70 -12.67
N LEU B 21 -3.84 -5.35 -12.76
CA LEU B 21 -2.90 -6.36 -13.29
C LEU B 21 -2.17 -7.18 -12.20
N ALA B 22 -2.26 -6.75 -10.95
CA ALA B 22 -1.53 -7.40 -9.86
C ALA B 22 -2.14 -8.75 -9.50
N LEU B 23 -1.29 -9.72 -9.22
CA LEU B 23 -1.73 -10.99 -8.69
C LEU B 23 -1.74 -10.94 -7.17
N ALA B 24 -2.29 -11.98 -6.55
CA ALA B 24 -2.46 -12.04 -5.10
C ALA B 24 -1.12 -12.23 -4.38
N GLU B 25 -1.11 -11.80 -3.12
CA GLU B 25 -0.05 -12.06 -2.16
C GLU B 25 -0.66 -12.79 -0.96
N TYR B 26 0.16 -13.54 -0.22
CA TYR B 26 -0.34 -14.44 0.78
C TYR B 26 0.57 -14.32 2.00
N VAL B 27 0.01 -14.56 3.17
CA VAL B 27 0.76 -14.53 4.42
C VAL B 27 0.44 -15.78 5.23
N ILE B 28 1.49 -16.45 5.72
CA ILE B 28 1.34 -17.53 6.69
C ILE B 28 1.99 -17.09 7.99
N TYR B 29 1.53 -17.68 9.07
CA TYR B 29 1.98 -17.27 10.38
C TYR B 29 2.72 -18.40 11.10
N ARG B 30 3.00 -19.49 10.38
CA ARG B 30 3.76 -20.62 10.90
C ARG B 30 4.77 -20.95 9.82
N GLY B 31 6.06 -20.94 10.15
CA GLY B 31 7.12 -21.25 9.17
C GLY B 31 7.02 -22.65 8.57
N GLU B 32 6.39 -23.56 9.30
CA GLU B 32 6.22 -24.94 8.86
C GLU B 32 5.21 -25.09 7.75
N GLN B 33 4.47 -24.02 7.46
CA GLN B 33 3.55 -24.03 6.34
C GLN B 33 4.15 -23.69 4.97
N ALA B 34 5.48 -23.62 4.84
CA ALA B 34 6.12 -23.39 3.55
C ALA B 34 7.40 -24.22 3.48
N TYR B 35 7.70 -24.68 2.28
CA TYR B 35 8.94 -25.41 2.02
C TYR B 35 9.61 -24.75 0.81
N PRO B 36 10.88 -24.37 0.93
CA PRO B 36 11.58 -23.71 -0.17
C PRO B 36 12.04 -24.69 -1.22
N GLU B 37 11.24 -24.96 -2.23
CA GLU B 37 11.49 -26.08 -3.13
C GLU B 37 12.56 -25.77 -4.17
N TYR B 38 12.58 -24.55 -4.66
CA TYR B 38 13.55 -24.16 -5.71
C TYR B 38 14.26 -22.88 -5.36
N LEU B 39 15.57 -22.89 -5.61
CA LEU B 39 16.40 -21.70 -5.51
C LEU B 39 16.77 -21.25 -6.91
N ILE B 40 16.32 -20.05 -7.27
CA ILE B 40 16.48 -19.49 -8.60
C ILE B 40 17.47 -18.35 -8.55
N THR B 41 18.54 -18.47 -9.34
CA THR B 41 19.55 -17.43 -9.43
C THR B 41 19.40 -16.74 -10.78
N TYR B 42 19.36 -15.41 -10.76
CA TYR B 42 18.99 -14.66 -11.94
C TYR B 42 19.52 -13.24 -11.90
N GLN B 43 19.47 -12.61 -13.06
CA GLN B 43 19.63 -11.17 -13.20
C GLN B 43 18.38 -10.55 -13.77
N ILE B 44 18.03 -9.35 -13.37
CA ILE B 44 17.03 -8.61 -14.12
C ILE B 44 17.67 -8.11 -15.41
N MET B 45 16.88 -7.99 -16.47
CA MET B 45 17.39 -7.56 -17.78
C MET B 45 16.95 -6.14 -18.10
N ARG B 46 17.89 -5.33 -18.55
CA ARG B 46 17.58 -3.95 -18.94
C ARG B 46 16.71 -4.00 -20.20
N PRO B 47 15.54 -3.35 -20.19
CA PRO B 47 14.71 -3.29 -21.42
C PRO B 47 15.48 -2.67 -22.58
N GLU B 48 15.24 -3.14 -23.79
CA GLU B 48 15.96 -2.63 -24.97
C GLU B 48 15.45 -1.25 -25.36
N GLY C 30 1.97 8.82 -15.53
CA GLY C 30 3.14 9.58 -15.03
C GLY C 30 3.32 9.50 -13.53
N THR C 31 2.34 8.95 -12.81
CA THR C 31 2.48 8.85 -11.36
C THR C 31 3.25 7.63 -10.93
N ILE C 32 4.19 7.81 -10.04
CA ILE C 32 4.80 6.71 -9.32
C ILE C 32 4.58 6.91 -7.82
N LEU C 33 4.42 5.79 -7.11
CA LEU C 33 4.20 5.82 -5.68
C LEU C 33 5.40 5.21 -5.01
N ILE C 34 5.99 5.95 -4.08
CA ILE C 34 7.17 5.50 -3.36
C ILE C 34 6.81 5.25 -1.91
N ASP C 35 7.04 4.02 -1.44
CA ASP C 35 6.79 3.66 -0.05
C ASP C 35 7.72 4.36 0.91
N LEU C 36 7.17 4.90 1.98
CA LEU C 36 7.98 5.44 3.05
C LEU C 36 8.20 4.35 4.07
N SER C 37 9.43 4.27 4.56
CA SER C 37 9.73 3.34 5.65
C SER C 37 9.12 3.82 6.96
N PRO C 38 8.56 2.91 7.76
CA PRO C 38 8.06 3.37 9.07
C PRO C 38 9.15 3.94 9.99
N ASP C 39 10.41 3.62 9.72
CA ASP C 39 11.51 4.17 10.51
C ASP C 39 11.94 5.56 10.05
N ASP C 40 11.38 6.03 8.94
CA ASP C 40 11.67 7.34 8.36
C ASP C 40 10.94 8.41 9.18
N LYS C 41 11.61 9.52 9.49
CA LYS C 41 10.95 10.62 10.20
C LYS C 41 9.75 11.18 9.43
N GLU C 42 9.85 11.15 8.12
CA GLU C 42 8.72 11.59 7.29
C GLU C 42 7.45 10.76 7.48
N PHE C 43 7.57 9.44 7.46
CA PHE C 43 6.47 8.56 7.78
C PHE C 43 5.90 8.93 9.14
N GLN C 44 6.77 9.08 10.12
CA GLN C 44 6.35 9.30 11.49
C GLN C 44 5.60 10.60 11.63
N SER C 45 6.01 11.61 10.88
CA SER C 45 5.37 12.92 10.91
C SER C 45 3.94 12.85 10.35
N VAL C 46 3.80 12.15 9.25
CA VAL C 46 2.49 11.99 8.63
C VAL C 46 1.58 11.18 9.51
N GLU C 47 2.08 10.08 10.08
CA GLU C 47 1.25 9.29 10.97
C GLU C 47 0.80 10.14 12.17
N GLU C 48 1.71 10.95 12.71
CA GLU C 48 1.32 11.75 13.88
C GLU C 48 0.26 12.81 13.48
N GLU C 49 0.38 13.38 12.29
CA GLU C 49 -0.66 14.29 11.82
C GLU C 49 -2.00 13.56 11.66
N MET C 50 -2.00 12.33 11.12
CA MET C 50 -3.22 11.53 11.08
C MET C 50 -3.83 11.30 12.47
N GLN C 51 -3.02 10.73 13.37
CA GLN C 51 -3.51 10.26 14.65
C GLN C 51 -3.92 11.44 15.55
N SER C 52 -3.16 12.52 15.48
CA SER C 52 -3.41 13.65 16.39
C SER C 52 -4.63 14.49 16.04
N THR C 53 -5.17 14.31 14.85
CA THR C 53 -6.32 15.11 14.43
C THR C 53 -7.59 14.28 14.30
N VAL C 54 -7.60 13.11 14.91
CA VAL C 54 -8.87 12.41 15.15
C VAL C 54 -9.69 13.17 16.19
N ARG C 55 -10.97 13.38 15.92
CA ARG C 55 -11.88 13.88 16.94
C ARG C 55 -13.18 13.09 16.92
N GLU C 56 -14.02 13.31 17.92
CA GLU C 56 -15.40 12.80 17.89
C GLU C 56 -16.25 13.64 16.95
N HIS C 57 -17.20 12.98 16.31
CA HIS C 57 -18.09 13.64 15.38
C HIS C 57 -19.51 13.64 15.92
N ARG C 58 -20.27 14.65 15.54
CA ARG C 58 -21.61 14.84 16.07
C ARG C 58 -22.60 13.78 15.63
N ASP C 59 -22.25 13.02 14.58
CA ASP C 59 -23.06 11.89 14.11
C ASP C 59 -22.81 10.57 14.85
N GLY C 60 -22.01 10.61 15.90
CA GLY C 60 -21.77 9.46 16.74
C GLY C 60 -21.01 8.36 16.03
N GLY C 61 -20.35 8.69 14.91
CA GLY C 61 -19.69 7.68 14.07
C GLY C 61 -20.48 7.16 12.88
N HIS C 62 -21.70 7.66 12.68
CA HIS C 62 -22.51 7.19 11.59
C HIS C 62 -21.81 7.18 10.23
N ALA C 63 -21.14 8.27 9.86
CA ALA C 63 -20.55 8.37 8.54
C ALA C 63 -19.21 7.65 8.42
N GLY C 64 -18.31 7.89 9.38
CA GLY C 64 -16.93 7.40 9.31
C GLY C 64 -16.60 6.22 10.18
N GLY C 65 -17.49 5.80 11.08
CA GLY C 65 -17.21 4.76 12.04
C GLY C 65 -16.83 5.25 13.40
N ILE C 66 -16.77 4.32 14.34
CA ILE C 66 -16.45 4.63 15.71
C ILE C 66 -15.01 4.22 15.96
N PHE C 67 -14.19 5.21 16.29
CA PHE C 67 -12.75 5.01 16.52
C PHE C 67 -12.12 6.24 17.15
N ASN C 68 -11.02 6.01 17.84
CA ASN C 68 -10.20 7.08 18.40
C ASN C 68 -8.82 7.17 17.74
N ARG C 69 -8.45 6.15 16.97
CA ARG C 69 -7.15 6.09 16.36
C ARG C 69 -7.18 5.14 15.20
N TYR C 70 -6.11 5.18 14.41
CA TYR C 70 -5.99 4.36 13.21
C TYR C 70 -4.86 3.35 13.35
N ASN C 71 -4.95 2.31 12.54
CA ASN C 71 -3.81 1.42 12.26
C ASN C 71 -3.29 1.82 10.90
N ILE C 72 -2.15 2.49 10.87
CA ILE C 72 -1.57 2.97 9.62
C ILE C 72 -0.79 1.83 8.98
N LEU C 73 -1.20 1.42 7.80
CA LEU C 73 -0.63 0.27 7.11
C LEU C 73 0.48 0.62 6.13
N LYS C 74 0.36 1.77 5.47
CA LYS C 74 1.31 2.22 4.47
C LYS C 74 1.13 3.72 4.25
N ILE C 75 2.25 4.36 3.93
CA ILE C 75 2.28 5.75 3.51
C ILE C 75 3.19 5.85 2.31
N GLN C 76 2.66 6.37 1.22
CA GLN C 76 3.37 6.49 -0.04
C GLN C 76 3.48 7.93 -0.47
N LYS C 77 4.65 8.30 -0.96
CA LYS C 77 4.80 9.56 -1.67
C LYS C 77 4.29 9.44 -3.08
N VAL C 78 3.50 10.41 -3.50
CA VAL C 78 2.90 10.44 -4.83
C VAL C 78 3.74 11.38 -5.72
N CYS C 79 4.32 10.85 -6.79
CA CYS C 79 5.28 11.59 -7.62
C CYS C 79 4.80 11.67 -9.05
N ASN C 80 4.49 12.88 -9.50
CA ASN C 80 4.05 13.08 -10.86
C ASN C 80 4.56 14.44 -11.28
N LYS C 81 5.51 14.44 -12.21
CA LYS C 81 6.20 15.67 -12.62
C LYS C 81 5.23 16.65 -13.24
N LYS C 82 4.38 16.17 -14.13
CA LYS C 82 3.43 17.04 -14.83
C LYS C 82 2.40 17.66 -13.87
N LEU C 83 1.87 16.84 -12.95
CA LEU C 83 0.92 17.34 -11.96
C LEU C 83 1.59 18.31 -11.00
N TRP C 84 2.85 18.08 -10.67
CA TRP C 84 3.58 18.96 -9.74
C TRP C 84 3.79 20.33 -10.41
N GLU C 85 4.21 20.30 -11.66
CA GLU C 85 4.41 21.55 -12.41
C GLU C 85 3.11 22.34 -12.60
N ARG C 86 1.99 21.67 -12.88
CA ARG C 86 0.68 22.28 -12.90
C ARG C 86 0.36 22.97 -11.55
N TYR C 87 0.60 22.25 -10.46
CA TYR C 87 0.41 22.80 -9.12
C TYR C 87 1.31 24.04 -8.87
N THR C 88 2.61 23.94 -9.16
CA THR C 88 3.53 25.05 -8.86
C THR C 88 3.31 26.28 -9.74
N HIS C 89 2.81 26.06 -10.94
CA HIS C 89 2.45 27.18 -11.82
C HIS C 89 1.27 27.94 -11.24
N ARG C 90 0.27 27.20 -10.77
CA ARG C 90 -0.88 27.85 -10.17
C ARG C 90 -0.45 28.51 -8.85
N ARG C 91 0.39 27.84 -8.07
CA ARG C 91 0.82 28.42 -6.79
C ARG C 91 1.51 29.79 -7.00
N LYS C 92 2.36 29.86 -8.04
CA LYS C 92 3.04 31.10 -8.39
C LYS C 92 2.04 32.21 -8.74
N GLU C 93 1.05 31.90 -9.58
CA GLU C 93 -0.02 32.87 -9.90
C GLU C 93 -0.73 33.37 -8.65
N VAL C 94 -1.14 32.44 -7.79
CA VAL C 94 -1.89 32.80 -6.61
C VAL C 94 -1.02 33.62 -5.66
N SER C 95 0.23 33.20 -5.47
CA SER C 95 1.19 33.90 -4.62
C SER C 95 1.36 35.36 -5.04
N GLU C 96 1.54 35.57 -6.33
CA GLU C 96 1.72 36.93 -6.87
C GLU C 96 0.45 37.77 -6.69
N GLU C 97 -0.71 37.17 -6.93
CA GLU C 97 -1.98 37.84 -6.69
C GLU C 97 -2.20 38.18 -5.23
N ASN C 98 -1.70 37.35 -4.33
CA ASN C 98 -1.87 37.56 -2.89
C ASN C 98 -0.61 38.13 -2.28
N HIS C 99 0.09 38.96 -3.06
CA HIS C 99 1.23 39.75 -2.59
C HIS C 99 2.35 38.92 -1.99
N ASN C 100 2.74 37.93 -2.79
CA ASN C 100 3.83 37.01 -2.50
CA ASN C 100 3.83 37.00 -2.52
C ASN C 100 3.55 36.14 -1.27
N HIS C 101 2.32 35.64 -1.16
CA HIS C 101 1.94 34.69 -0.10
C HIS C 101 1.00 33.62 -0.66
N ALA C 102 1.55 32.42 -0.87
CA ALA C 102 0.73 31.32 -1.35
C ALA C 102 -0.27 30.83 -0.30
N ASN C 103 0.07 30.97 0.98
CA ASN C 103 -0.77 30.45 2.08
C ASN C 103 -1.01 28.95 1.88
N GLU C 104 0.10 28.25 1.76
CA GLU C 104 0.10 26.81 1.48
C GLU C 104 0.01 25.97 2.75
N ARG C 105 -0.90 24.98 2.73
CA ARG C 105 -1.18 24.12 3.87
C ARG C 105 -1.05 22.66 3.47
N MET C 106 -0.89 21.81 4.48
CA MET C 106 -1.05 20.37 4.32
C MET C 106 -2.39 19.98 4.97
N LEU C 107 -3.24 19.36 4.16
CA LEU C 107 -4.63 19.05 4.52
C LEU C 107 -5.07 17.70 4.02
N PHE C 108 -6.02 17.09 4.73
CA PHE C 108 -6.53 15.76 4.34
C PHE C 108 -7.63 15.83 3.32
N HIS C 109 -7.75 14.78 2.51
CA HIS C 109 -8.85 14.63 1.59
C HIS C 109 -9.21 13.16 1.50
N GLY C 110 -10.47 12.84 1.75
CA GLY C 110 -10.97 11.49 1.67
C GLY C 110 -11.99 11.37 0.57
N SER C 111 -11.88 10.37 -0.29
CA SER C 111 -12.75 10.34 -1.44
C SER C 111 -12.77 9.00 -2.11
N PRO C 112 -13.94 8.60 -2.64
CA PRO C 112 -13.93 7.39 -3.49
C PRO C 112 -13.15 7.54 -4.81
N PHE C 113 -12.75 8.76 -5.16
CA PHE C 113 -12.02 8.98 -6.40
C PHE C 113 -10.51 9.05 -6.21
N VAL C 114 -10.03 8.67 -5.03
CA VAL C 114 -8.61 8.72 -4.70
C VAL C 114 -7.69 8.16 -5.80
N ASN C 115 -8.06 7.03 -6.40
CA ASN C 115 -7.19 6.42 -7.44
C ASN C 115 -7.12 7.28 -8.69
N ALA C 116 -8.22 7.92 -9.04
CA ALA C 116 -8.21 8.86 -10.16
C ALA C 116 -7.42 10.12 -9.83
N ILE C 117 -7.58 10.61 -8.61
CA ILE C 117 -6.89 11.81 -8.20
C ILE C 117 -5.36 11.69 -8.31
N ILE C 118 -4.79 10.60 -7.82
CA ILE C 118 -3.34 10.46 -7.81
C ILE C 118 -2.75 10.34 -9.22
N HIS C 119 -3.57 9.89 -10.17
CA HIS C 119 -3.10 9.71 -11.55
C HIS C 119 -3.32 10.89 -12.45
N LYS C 120 -4.47 11.54 -12.28
CA LYS C 120 -4.94 12.59 -13.17
C LYS C 120 -4.99 13.96 -12.51
N GLY C 121 -4.91 14.00 -11.18
CA GLY C 121 -4.98 15.25 -10.44
C GLY C 121 -6.38 15.60 -10.03
N PHE C 122 -6.52 16.62 -9.20
CA PHE C 122 -7.82 17.12 -8.84
C PHE C 122 -8.44 17.88 -10.00
N ASP C 123 -9.74 17.72 -10.18
CA ASP C 123 -10.49 18.55 -11.13
C ASP C 123 -11.99 18.55 -10.78
N GLU C 124 -12.80 19.22 -11.59
CA GLU C 124 -14.24 19.37 -11.30
C GLU C 124 -14.96 18.05 -10.97
N ARG C 125 -14.43 16.93 -11.45
CA ARG C 125 -15.03 15.61 -11.12
C ARG C 125 -14.97 15.32 -9.62
N HIS C 126 -14.03 15.96 -8.93
CA HIS C 126 -13.78 15.62 -7.50
C HIS C 126 -14.37 16.62 -6.50
N ALA C 127 -15.19 17.54 -7.01
CA ALA C 127 -15.86 18.56 -6.21
C ALA C 127 -17.05 18.00 -5.45
N TYR C 128 -17.44 18.70 -4.40
CA TYR C 128 -18.57 18.36 -3.54
C TYR C 128 -19.60 19.38 -3.89
N ILE C 129 -20.47 18.98 -4.81
CA ILE C 129 -21.42 19.92 -5.40
C ILE C 129 -22.35 20.48 -4.33
N GLY C 130 -22.72 19.68 -3.34
CA GLY C 130 -23.65 20.10 -2.30
C GLY C 130 -22.97 20.58 -1.04
N GLY C 131 -21.69 20.93 -1.13
CA GLY C 131 -20.99 21.36 0.06
C GLY C 131 -21.51 22.71 0.53
N MET C 132 -21.47 22.90 1.84
CA MET C 132 -21.95 24.12 2.47
C MET C 132 -21.26 25.41 2.02
N PHE C 133 -20.04 25.34 1.48
CA PHE C 133 -19.37 26.53 0.98
C PHE C 133 -19.31 26.55 -0.54
N GLY C 134 -20.26 25.88 -1.18
CA GLY C 134 -20.38 25.87 -2.63
C GLY C 134 -19.67 24.69 -3.22
N ALA C 135 -19.83 24.55 -4.54
CA ALA C 135 -19.30 23.45 -5.31
C ALA C 135 -17.81 23.68 -5.53
N GLY C 136 -17.00 23.05 -4.71
CA GLY C 136 -15.56 23.16 -4.80
C GLY C 136 -14.99 21.89 -4.20
N ILE C 137 -13.67 21.83 -4.13
CA ILE C 137 -12.97 20.66 -3.60
C ILE C 137 -12.61 20.93 -2.13
N TYR C 138 -13.06 20.04 -1.25
CA TYR C 138 -13.02 20.21 0.19
C TYR C 138 -11.85 19.47 0.82
N PHE C 139 -11.21 20.10 1.82
CA PHE C 139 -10.10 19.50 2.55
C PHE C 139 -10.33 19.76 4.04
N ALA C 140 -9.75 18.90 4.88
CA ALA C 140 -9.92 19.02 6.32
C ALA C 140 -8.60 19.01 7.07
N GLU C 141 -8.56 19.79 8.14
CA GLU C 141 -7.49 19.68 9.13
C GLU C 141 -7.65 18.43 9.97
N ASN C 142 -8.89 17.99 10.24
CA ASN C 142 -9.13 16.75 10.99
C ASN C 142 -9.11 15.55 10.07
N SER C 143 -8.15 14.65 10.24
CA SER C 143 -8.15 13.43 9.47
C SER C 143 -9.49 12.67 9.55
N SER C 144 -10.14 12.70 10.73
CA SER C 144 -11.37 11.96 10.93
C SER C 144 -12.53 12.59 10.15
N LYS C 145 -12.44 13.87 9.80
CA LYS C 145 -13.45 14.52 8.97
C LYS C 145 -13.34 13.96 7.54
N SER C 146 -12.13 13.94 7.00
CA SER C 146 -11.92 13.37 5.67
C SER C 146 -12.26 11.87 5.64
N ASN C 147 -12.02 11.14 6.74
CA ASN C 147 -12.39 9.72 6.82
C ASN C 147 -13.91 9.51 6.59
N GLN C 148 -14.72 10.50 6.96
CA GLN C 148 -16.18 10.43 6.71
C GLN C 148 -16.54 10.37 5.23
N TYR C 149 -15.62 10.71 4.32
CA TYR C 149 -15.90 10.78 2.88
C TYR C 149 -15.23 9.69 2.05
N VAL C 150 -14.46 8.82 2.70
CA VAL C 150 -13.68 7.80 1.99
C VAL C 150 -14.57 6.88 1.18
N TYR C 151 -15.73 6.55 1.74
CA TYR C 151 -16.72 5.72 1.07
C TYR C 151 -17.85 6.49 0.43
N GLY C 152 -17.71 7.81 0.33
CA GLY C 152 -18.68 8.67 -0.33
C GLY C 152 -19.25 9.68 0.63
N ILE C 153 -20.11 10.55 0.13
CA ILE C 153 -20.78 11.53 0.99
C ILE C 153 -21.60 10.83 2.07
N GLY C 154 -21.44 11.23 3.33
CA GLY C 154 -22.18 10.62 4.43
C GLY C 154 -21.70 9.22 4.76
N GLY C 155 -20.53 8.87 4.21
CA GLY C 155 -19.98 7.54 4.29
C GLY C 155 -20.58 6.55 3.29
N GLY C 156 -21.43 7.03 2.38
CA GLY C 156 -22.11 6.13 1.42
C GLY C 156 -22.77 4.96 2.12
N THR C 157 -22.54 3.75 1.59
CA THR C 157 -23.04 2.54 2.20
C THR C 157 -21.89 1.76 2.85
N GLY C 158 -20.80 2.46 3.13
CA GLY C 158 -19.69 1.89 3.84
C GLY C 158 -18.75 1.10 2.94
N CYS C 159 -18.04 0.17 3.53
CA CYS C 159 -17.03 -0.53 2.74
C CYS C 159 -17.72 -1.39 1.69
N PRO C 160 -17.04 -1.68 0.58
CA PRO C 160 -17.70 -2.49 -0.50
C PRO C 160 -18.01 -3.92 -0.07
N VAL C 161 -17.10 -4.51 0.70
CA VAL C 161 -17.21 -5.92 1.09
C VAL C 161 -18.29 -6.18 2.13
N HIS C 162 -18.38 -5.33 3.15
CA HIS C 162 -19.26 -5.57 4.30
C HIS C 162 -20.43 -4.58 4.39
N LYS C 163 -20.45 -3.56 3.53
CA LYS C 163 -21.42 -2.47 3.64
C LYS C 163 -21.50 -1.88 5.05
N ASP C 164 -20.33 -1.66 5.63
CA ASP C 164 -20.19 -1.21 7.00
C ASP C 164 -19.37 0.09 7.02
N ARG C 165 -20.02 1.19 7.39
CA ARG C 165 -19.35 2.47 7.52
C ARG C 165 -18.33 2.45 8.66
N SER C 166 -18.47 1.53 9.62
CA SER C 166 -17.51 1.41 10.69
C SER C 166 -16.64 0.16 10.58
N CYS C 167 -16.44 -0.31 9.36
CA CYS C 167 -15.68 -1.56 9.13
C CYS C 167 -14.28 -1.40 9.71
N TYR C 168 -13.87 -2.35 10.54
CA TYR C 168 -12.52 -2.38 11.13
C TYR C 168 -11.56 -3.33 10.38
N ILE C 169 -12.08 -3.98 9.35
CA ILE C 169 -11.32 -4.98 8.57
C ILE C 169 -10.77 -4.35 7.31
N CYS C 170 -11.63 -3.70 6.54
CA CYS C 170 -11.28 -3.23 5.23
C CYS C 170 -10.30 -2.05 5.26
N HIS C 171 -9.36 -2.09 4.32
CA HIS C 171 -8.37 -1.03 4.19
C HIS C 171 -8.95 0.22 3.54
N ARG C 172 -8.68 1.38 4.13
CA ARG C 172 -9.08 2.68 3.63
C ARG C 172 -7.87 3.45 3.14
N GLN C 173 -8.12 4.42 2.29
CA GLN C 173 -7.11 5.35 1.84
C GLN C 173 -7.54 6.80 1.96
N LEU C 174 -6.64 7.63 2.47
CA LEU C 174 -6.76 9.10 2.56
C LEU C 174 -5.59 9.73 1.82
N LEU C 175 -5.78 10.95 1.35
CA LEU C 175 -4.69 11.74 0.81
C LEU C 175 -4.32 12.82 1.82
N PHE C 176 -3.03 13.11 1.92
CA PHE C 176 -2.55 14.25 2.70
C PHE C 176 -1.89 15.15 1.65
N CYS C 177 -2.49 16.33 1.44
CA CYS C 177 -2.25 17.11 0.22
C CYS C 177 -1.70 18.48 0.50
N ARG C 178 -0.89 18.97 -0.41
CA ARG C 178 -0.40 20.34 -0.37
C ARG C 178 -1.48 21.19 -1.04
N VAL C 179 -1.98 22.22 -0.35
CA VAL C 179 -3.11 23.00 -0.84
C VAL C 179 -2.74 24.47 -0.77
N THR C 180 -2.88 25.14 -1.91
CA THR C 180 -2.63 26.59 -2.00
C THR C 180 -3.92 27.32 -1.67
N LEU C 181 -3.95 28.03 -0.54
CA LEU C 181 -5.19 28.75 -0.16
C LEU C 181 -5.30 30.21 -0.65
N GLY C 182 -4.16 30.84 -0.90
CA GLY C 182 -4.11 32.27 -1.20
C GLY C 182 -4.86 33.11 -0.18
N LYS C 183 -5.53 34.14 -0.67
CA LYS C 183 -6.44 34.92 0.16
C LYS C 183 -7.69 34.12 0.38
N SER C 184 -7.89 33.71 1.62
CA SER C 184 -8.94 32.81 1.95
C SER C 184 -10.10 33.54 2.61
N PHE C 185 -11.30 33.31 2.12
CA PHE C 185 -12.48 33.91 2.70
C PHE C 185 -12.90 33.15 3.95
N LEU C 186 -12.88 33.85 5.09
CA LEU C 186 -13.28 33.23 6.33
C LEU C 186 -14.78 33.16 6.46
N GLN C 187 -15.30 31.95 6.54
CA GLN C 187 -16.71 31.75 6.73
C GLN C 187 -16.85 31.00 8.03
N PHE C 188 -17.47 31.61 9.03
CA PHE C 188 -17.81 30.87 10.24
C PHE C 188 -19.04 30.01 9.92
N SER C 189 -19.09 28.82 10.50
CA SER C 189 -20.15 27.89 10.17
C SER C 189 -20.61 27.21 11.43
N ALA C 190 -21.92 27.01 11.52
CA ALA C 190 -22.56 26.57 12.76
C ALA C 190 -22.27 25.12 13.19
N MET C 191 -21.40 24.43 12.48
CA MET C 191 -20.97 23.09 12.88
C MET C 191 -20.07 23.13 14.14
N MET D 2 -18.54 23.34 -11.17
CA MET D 2 -17.70 23.87 -10.05
C MET D 2 -17.86 25.40 -9.93
N ALA D 3 -18.12 25.87 -8.71
CA ALA D 3 -18.34 27.30 -8.42
C ALA D 3 -17.03 28.07 -8.47
N HIS D 4 -17.12 29.39 -8.27
CA HIS D 4 -15.95 30.27 -8.26
C HIS D 4 -15.66 30.73 -6.83
N SER D 5 -14.41 31.10 -6.56
CA SER D 5 -14.07 31.67 -5.27
C SER D 5 -14.80 33.00 -5.11
N PRO D 6 -14.95 33.47 -3.86
CA PRO D 6 -15.42 34.83 -3.63
C PRO D 6 -14.52 35.85 -4.33
N PRO D 7 -15.10 36.98 -4.81
CA PRO D 7 -14.29 37.95 -5.53
C PRO D 7 -13.05 38.38 -4.74
N GLY D 8 -11.90 38.33 -5.39
CA GLY D 8 -10.66 38.71 -4.78
C GLY D 8 -10.13 37.64 -3.83
N HIS D 9 -10.78 36.47 -3.78
CA HIS D 9 -10.31 35.37 -2.90
C HIS D 9 -9.97 34.12 -3.71
N HIS D 10 -9.12 33.27 -3.13
CA HIS D 10 -8.69 32.04 -3.81
C HIS D 10 -9.20 30.75 -3.17
N SER D 11 -9.90 30.86 -2.06
CA SER D 11 -10.40 29.74 -1.33
C SER D 11 -11.34 30.25 -0.26
N VAL D 12 -11.98 29.31 0.42
CA VAL D 12 -12.85 29.56 1.55
C VAL D 12 -12.36 28.73 2.72
N THR D 13 -12.34 29.36 3.89
CA THR D 13 -12.01 28.71 5.14
C THR D 13 -13.31 28.59 5.92
N GLY D 14 -13.76 27.34 6.09
CA GLY D 14 -14.95 27.06 6.84
C GLY D 14 -14.53 26.76 8.25
N ARG D 15 -14.87 27.64 9.17
CA ARG D 15 -14.39 27.48 10.53
C ARG D 15 -15.53 27.16 11.48
N PRO D 16 -15.53 25.96 12.06
CA PRO D 16 -16.65 25.63 12.94
C PRO D 16 -16.73 26.60 14.13
N SER D 17 -17.91 27.13 14.39
CA SER D 17 -18.07 28.11 15.46
C SER D 17 -18.79 27.55 16.71
N VAL D 18 -19.35 26.34 16.63
CA VAL D 18 -20.06 25.75 17.78
C VAL D 18 -19.24 24.66 18.49
N ASN D 19 -18.73 23.69 17.73
CA ASN D 19 -17.87 22.67 18.30
C ASN D 19 -16.45 23.18 18.40
N GLY D 20 -16.02 23.50 19.62
CA GLY D 20 -14.72 24.08 19.85
C GLY D 20 -13.54 23.15 19.59
N LEU D 21 -13.79 21.85 19.49
CA LEU D 21 -12.73 20.91 19.14
C LEU D 21 -12.64 20.61 17.67
N ALA D 22 -13.58 21.08 16.87
CA ALA D 22 -13.54 20.82 15.44
C ALA D 22 -12.59 21.78 14.75
N LEU D 23 -11.69 21.24 13.93
CA LEU D 23 -10.76 22.08 13.18
C LEU D 23 -11.40 22.56 11.89
N ALA D 24 -10.68 23.41 11.15
CA ALA D 24 -11.25 24.03 9.96
C ALA D 24 -11.32 23.09 8.78
N GLU D 25 -12.20 23.44 7.88
CA GLU D 25 -12.33 22.81 6.57
C GLU D 25 -12.09 23.89 5.53
N TYR D 26 -11.61 23.51 4.36
CA TYR D 26 -11.18 24.47 3.35
C TYR D 26 -11.70 24.05 2.00
N VAL D 27 -12.02 25.03 1.16
CA VAL D 27 -12.55 24.77 -0.18
C VAL D 27 -11.74 25.56 -1.19
N ILE D 28 -11.31 24.86 -2.22
CA ILE D 28 -10.72 25.49 -3.40
C ILE D 28 -11.64 25.23 -4.57
N TYR D 29 -11.54 26.10 -5.55
CA TYR D 29 -12.40 26.08 -6.72
C TYR D 29 -11.64 25.81 -8.00
N ARG D 30 -10.36 25.48 -7.89
CA ARG D 30 -9.54 25.09 -9.03
C ARG D 30 -8.74 23.89 -8.59
N GLY D 31 -8.80 22.80 -9.34
CA GLY D 31 -8.03 21.60 -9.01
C GLY D 31 -6.52 21.77 -8.96
N GLU D 32 -5.99 22.72 -9.73
CA GLU D 32 -4.57 22.98 -9.77
C GLU D 32 -4.02 23.57 -8.49
N GLN D 33 -4.89 23.99 -7.57
CA GLN D 33 -4.46 24.50 -6.26
C GLN D 33 -4.27 23.43 -5.19
N ALA D 34 -4.26 22.15 -5.59
CA ALA D 34 -3.88 21.10 -4.66
C ALA D 34 -3.04 20.03 -5.34
N TYR D 35 -2.11 19.45 -4.59
CA TYR D 35 -1.29 18.36 -5.11
C TYR D 35 -1.37 17.21 -4.10
N PRO D 36 -1.71 15.99 -4.56
CA PRO D 36 -1.89 14.84 -3.64
C PRO D 36 -0.57 14.24 -3.18
N GLU D 37 0.03 14.81 -2.16
CA GLU D 37 1.41 14.49 -1.87
C GLU D 37 1.67 13.11 -1.25
N TYR D 38 0.78 12.68 -0.34
CA TYR D 38 0.90 11.42 0.34
C TYR D 38 -0.40 10.64 0.23
N LEU D 39 -0.24 9.35 0.01
CA LEU D 39 -1.33 8.39 -0.05
C LEU D 39 -1.18 7.49 1.17
N ILE D 40 -2.19 7.50 2.04
CA ILE D 40 -2.10 6.85 3.33
C ILE D 40 -3.13 5.70 3.34
N THR D 41 -2.66 4.49 3.61
CA THR D 41 -3.53 3.28 3.68
C THR D 41 -3.63 2.87 5.14
N TYR D 42 -4.87 2.68 5.63
CA TYR D 42 -5.10 2.52 7.05
C TYR D 42 -6.39 1.76 7.33
N GLN D 43 -6.50 1.34 8.58
CA GLN D 43 -7.76 0.87 9.16
C GLN D 43 -8.13 1.77 10.33
N ILE D 44 -9.41 2.00 10.52
CA ILE D 44 -9.87 2.53 11.80
C ILE D 44 -9.80 1.40 12.83
N MET D 45 -9.51 1.73 14.08
CA MET D 45 -9.37 0.76 15.16
C MET D 45 -10.57 0.81 16.12
N ARG D 46 -11.12 -0.36 16.43
CA ARG D 46 -12.22 -0.47 17.41
C ARG D 46 -11.74 -0.08 18.83
N PRO D 47 -12.46 0.84 19.50
CA PRO D 47 -11.99 1.21 20.85
C PRO D 47 -12.08 -0.01 21.77
N GLU D 48 -11.17 -0.11 22.74
CA GLU D 48 -11.18 -1.27 23.65
C GLU D 48 -12.10 -1.05 24.83
S SO4 E . 2.86 -2.68 -6.46
S SO4 E . 3.07 -2.51 -6.42
O1 SO4 E . 2.85 -1.50 -5.55
O1 SO4 E . 2.14 -1.79 -5.50
O2 SO4 E . 4.15 -3.38 -6.20
O2 SO4 E . 4.33 -1.74 -6.50
O3 SO4 E . 1.68 -3.53 -6.18
O3 SO4 E . 3.37 -3.85 -5.88
O4 SO4 E . 2.83 -2.22 -7.85
O4 SO4 E . 2.47 -2.59 -7.75
S SO4 F . 12.72 -6.35 -23.19
O1 SO4 F . 13.47 -5.33 -23.95
O2 SO4 F . 13.61 -6.98 -22.18
O3 SO4 F . 12.14 -7.38 -24.07
O4 SO4 F . 11.59 -5.67 -22.52
ZN ZN G . 25.29 -4.67 -8.45
CAQ A63 H . 12.39 -10.13 6.92
OAO A63 H . 12.12 -9.09 6.00
CAK A63 H . 11.33 -9.46 4.92
CAM A63 H . 11.60 -10.55 4.10
CAI A63 H . 10.80 -10.87 2.99
CAL A63 H . 10.22 -8.69 4.61
CAJ A63 H . 9.41 -8.99 3.52
CAG A63 H . 9.68 -10.09 2.70
CAA A63 H . 8.84 -10.36 1.61
OAC A63 H . 7.74 -9.57 1.53
CAF A63 H . 6.82 -9.75 0.55
CAP A63 H . 5.67 -8.99 0.59
CAS A63 H . 4.67 -9.22 -0.36
CAR A63 H . 4.87 -10.21 -1.33
CAN A63 H . 6.04 -11.00 -1.32
CAE A63 H . 7.03 -10.76 -0.38
CAD A63 H . 8.22 -11.50 -0.36
OAH A63 H . 8.55 -12.23 -1.30
CAB A63 H . 9.14 -11.29 0.65
C1 GOL I . -8.87 -5.03 -8.69
O1 GOL I . -7.50 -5.34 -9.04
C2 GOL I . -9.85 -4.62 -9.81
O2 GOL I . -9.29 -4.70 -11.13
C3 GOL I . -11.20 -5.39 -9.77
O3 GOL I . -12.32 -4.43 -9.85
S SO4 J . -19.15 16.79 12.57
O1 SO4 J . -18.96 16.46 13.99
O2 SO4 J . -18.50 18.11 12.33
O3 SO4 J . -18.45 15.91 11.63
O4 SO4 J . -20.56 17.05 12.26
S SO4 K . -8.72 3.00 22.05
O1 SO4 K . -8.80 1.71 22.78
O2 SO4 K . -7.60 3.83 22.50
O3 SO4 K . -9.97 3.72 22.35
O4 SO4 K . -8.55 2.73 20.60
ZN ZN L . -15.36 -4.10 5.27
CAQ A63 M . -17.06 13.25 -4.86
OAO A63 M . -17.73 13.77 -3.76
CAK A63 M . -16.96 14.15 -2.68
CAM A63 M . -17.57 14.98 -1.76
CAI A63 M . -16.87 15.44 -0.64
CAL A63 M . -15.65 13.74 -2.46
CAJ A63 M . -14.96 14.19 -1.35
CAG A63 M . -15.57 15.04 -0.42
CAA A63 M . -14.92 15.51 0.72
OAC A63 M . -15.67 16.36 1.47
CAF A63 M . -15.14 16.96 2.57
CAP A63 M . -15.89 17.92 3.23
CAS A63 M . -15.33 18.56 4.31
CAR A63 M . -14.01 18.28 4.71
CAN A63 M . -13.28 17.30 4.04
CAE A63 M . -13.86 16.62 2.97
CAD A63 M . -13.12 15.65 2.29
OAH A63 M . -12.02 15.24 2.69
CAB A63 M . -13.65 15.12 1.12
#